data_6QP0
#
_entry.id   6QP0
#
_cell.length_a   71.020
_cell.length_b   71.020
_cell.length_c   88.570
_cell.angle_alpha   90.00
_cell.angle_beta   90.00
_cell.angle_gamma   120.00
#
_symmetry.space_group_name_H-M   'P 31 2 1'
#
loop_
_entity.id
_entity.type
_entity.pdbx_description
1 polymer 'Putative chromatin binding protein'
2 non-polymer "ADENOSINE-5'-DIPHOSPHATE"
3 non-polymer 'ALUMINUM FLUORIDE'
4 non-polymer 'MAGNESIUM ION'
5 non-polymer '2-(N-MORPHOLINO)-ETHANESULFONIC ACID'
6 water water
#
_entity_poly.entity_id   1
_entity_poly.type   'polypeptide(L)'
_entity_poly.pdbx_seq_one_letter_code
;MAPLIVVTGLPSSGKTTRARQLYAYLEERIASQPKSQMPSQPQPQHPPQSQPPSQSQTSPIPPPLSSTPQYRLHYISDAT
LSISRSVYDLSPEKLPAHVRSANASEKDARAALYAAVKRVLGPKDIVILDSLNYIKGWRYQLYCEAKNARTPSCVLQVGG
GVEKAREVNERRLERRERKLKEQGEKKEGEEKKEAAESDEEPYERSNWENLVFRYEEPNPMTRWDSPLFLLAWDDDEAQT
RQVFDKIWDAIAGEGLEHHHHHH
;
_entity_poly.pdbx_strand_id   A
#
loop_
_chem_comp.id
_chem_comp.type
_chem_comp.name
_chem_comp.formula
ADP non-polymer ADENOSINE-5'-DIPHOSPHATE 'C10 H15 N5 O10 P2'
AF3 non-polymer 'ALUMINUM FLUORIDE' 'Al F3'
MES non-polymer '2-(N-MORPHOLINO)-ETHANESULFONIC ACID' 'C6 H13 N O4 S'
MG non-polymer 'MAGNESIUM ION' 'Mg 2'
#
# COMPACT_ATOMS: atom_id res chain seq x y z
N PRO A 3 8.96 -10.46 -6.19
CA PRO A 3 9.22 -9.19 -5.50
C PRO A 3 7.99 -8.58 -4.86
N LEU A 4 8.20 -7.83 -3.78
CA LEU A 4 7.12 -7.16 -3.04
C LEU A 4 7.32 -5.67 -3.12
N ILE A 5 6.24 -4.95 -3.41
CA ILE A 5 6.24 -3.49 -3.48
C ILE A 5 5.20 -3.00 -2.48
N VAL A 6 5.65 -2.46 -1.35
CA VAL A 6 4.76 -2.01 -0.30
C VAL A 6 4.35 -0.57 -0.60
N VAL A 7 3.11 -0.38 -1.01
CA VAL A 7 2.54 0.96 -1.13
C VAL A 7 2.15 1.44 0.26
N THR A 8 2.26 2.75 0.48
CA THR A 8 1.94 3.31 1.78
C THR A 8 1.56 4.78 1.60
N GLY A 9 0.70 5.25 2.48
CA GLY A 9 0.25 6.62 2.41
C GLY A 9 -0.90 6.85 3.37
N LEU A 10 -1.35 8.11 3.39
CA LEU A 10 -2.47 8.49 4.23
C LEU A 10 -3.77 8.00 3.64
N PRO A 11 -4.86 8.01 4.41
CA PRO A 11 -6.18 7.72 3.85
C PRO A 11 -6.51 8.69 2.73
N SER A 12 -6.96 8.15 1.59
CA SER A 12 -7.36 8.95 0.44
C SER A 12 -6.21 9.81 -0.06
N SER A 13 -5.00 9.24 -0.06
CA SER A 13 -3.81 9.94 -0.52
C SER A 13 -3.41 9.55 -1.95
N GLY A 14 -4.14 8.65 -2.59
CA GLY A 14 -3.84 8.24 -3.94
C GLY A 14 -3.15 6.91 -4.09
N LYS A 15 -3.18 6.06 -3.06
CA LYS A 15 -2.53 4.76 -3.15
C LYS A 15 -3.10 3.95 -4.31
N THR A 16 -4.42 3.76 -4.33
CA THR A 16 -5.03 2.95 -5.37
C THR A 16 -4.74 3.52 -6.76
N THR A 17 -4.79 4.84 -6.89
CA THR A 17 -4.56 5.47 -8.19
C THR A 17 -3.14 5.21 -8.68
N ARG A 18 -2.15 5.41 -7.80
CA ARG A 18 -0.77 5.11 -8.17
C ARG A 18 -0.53 3.62 -8.33
N ALA A 19 -1.19 2.78 -7.52
CA ALA A 19 -1.00 1.34 -7.63
C ALA A 19 -1.45 0.82 -8.98
N ARG A 20 -2.57 1.34 -9.50
CA ARG A 20 -3.02 0.96 -10.84
C ARG A 20 -1.97 1.32 -11.88
N GLN A 21 -1.47 2.55 -11.83
CA GLN A 21 -0.42 2.97 -12.76
C GLN A 21 0.79 2.05 -12.67
N LEU A 22 1.22 1.71 -11.45
CA LEU A 22 2.33 0.79 -11.30
C LEU A 22 2.04 -0.56 -11.95
N TYR A 23 0.83 -1.09 -11.73
CA TYR A 23 0.45 -2.35 -12.36
C TYR A 23 0.57 -2.26 -13.87
N ALA A 24 -0.09 -1.26 -14.47
CA ALA A 24 -0.01 -1.09 -15.92
C ALA A 24 1.43 -0.98 -16.38
N TYR A 25 2.25 -0.20 -15.67
CA TYR A 25 3.67 -0.11 -15.99
C TYR A 25 4.33 -1.48 -15.92
N LEU A 26 4.17 -2.17 -14.79
CA LEU A 26 4.77 -3.49 -14.64
C LEU A 26 4.23 -4.49 -15.64
N GLU A 27 3.02 -4.26 -16.17
CA GLU A 27 2.47 -5.17 -17.17
C GLU A 27 3.20 -5.01 -18.50
N GLU A 28 3.44 -3.77 -18.93
CA GLU A 28 4.17 -3.56 -20.18
C GLU A 28 5.62 -4.04 -20.05
N ARG A 29 6.21 -3.88 -18.87
CA ARG A 29 7.62 -4.22 -18.70
C ARG A 29 7.83 -5.73 -18.65
N ILE A 30 6.89 -6.47 -18.06
CA ILE A 30 7.02 -7.92 -18.00
C ILE A 30 6.86 -8.52 -19.39
N ALA A 31 5.88 -8.05 -20.16
CA ALA A 31 5.77 -8.41 -21.57
C ALA A 31 6.75 -7.63 -22.43
N SER A 32 7.22 -6.48 -21.95
CA SER A 32 8.19 -5.68 -22.67
C SER A 32 7.62 -5.18 -23.99
N GLN A 70 10.65 -14.33 -16.94
CA GLN A 70 9.59 -13.33 -16.79
C GLN A 70 8.94 -13.45 -15.41
N TYR A 71 7.90 -12.64 -15.18
CA TYR A 71 7.30 -12.53 -13.86
C TYR A 71 5.79 -12.69 -13.94
N ARG A 72 5.19 -12.95 -12.77
CA ARG A 72 3.76 -12.88 -12.57
C ARG A 72 3.43 -11.63 -11.76
N LEU A 73 2.33 -10.97 -12.11
CA LEU A 73 1.94 -9.70 -11.50
C LEU A 73 0.71 -9.91 -10.64
N HIS A 74 0.80 -9.54 -9.37
CA HIS A 74 -0.30 -9.66 -8.42
C HIS A 74 -0.61 -8.29 -7.81
N TYR A 75 -1.89 -8.06 -7.54
CA TYR A 75 -2.36 -6.84 -6.90
C TYR A 75 -3.27 -7.20 -5.73
N ILE A 76 -2.98 -6.63 -4.56
CA ILE A 76 -3.73 -6.89 -3.35
C ILE A 76 -4.07 -5.56 -2.69
N SER A 77 -5.26 -5.49 -2.09
CA SER A 77 -5.70 -4.29 -1.41
C SER A 77 -6.72 -4.68 -0.35
N ASP A 78 -7.05 -3.72 0.53
CA ASP A 78 -8.12 -3.93 1.49
C ASP A 78 -9.42 -4.29 0.77
N ALA A 79 -9.68 -3.66 -0.38
CA ALA A 79 -10.91 -3.91 -1.11
C ALA A 79 -10.93 -5.31 -1.72
N THR A 80 -9.81 -5.76 -2.28
CA THR A 80 -9.76 -7.10 -2.85
C THR A 80 -9.97 -8.17 -1.79
N LEU A 81 -9.55 -7.91 -0.56
CA LEU A 81 -9.75 -8.81 0.56
C LEU A 81 -11.00 -8.49 1.35
N SER A 82 -11.83 -7.58 0.84
CA SER A 82 -13.08 -7.20 1.51
C SER A 82 -12.82 -6.77 2.95
N ILE A 83 -11.80 -5.93 3.12
CA ILE A 83 -11.46 -5.37 4.42
C ILE A 83 -12.00 -3.93 4.44
N SER A 84 -13.07 -3.72 5.19
CA SER A 84 -13.66 -2.38 5.28
C SER A 84 -12.70 -1.42 5.99
N ARG A 85 -12.81 -0.14 5.64
CA ARG A 85 -11.96 0.88 6.25
C ARG A 85 -12.27 1.09 7.73
N SER A 86 -13.37 0.55 8.24
CA SER A 86 -13.75 0.74 9.63
C SER A 86 -12.92 -0.08 10.60
N VAL A 87 -12.09 -1.01 10.11
CA VAL A 87 -11.22 -1.79 10.99
C VAL A 87 -10.19 -0.91 11.68
N TYR A 88 -9.96 0.30 11.17
CA TYR A 88 -8.90 1.16 11.67
C TYR A 88 -9.34 2.09 12.78
N ASP A 89 -10.51 1.84 13.39
CA ASP A 89 -10.98 2.63 14.52
C ASP A 89 -10.38 2.11 15.82
N ALA A 97 -10.27 -4.98 24.49
CA ALA A 97 -8.93 -5.57 24.47
C ALA A 97 -8.88 -6.84 25.31
N HIS A 98 -9.36 -6.73 26.56
CA HIS A 98 -9.42 -7.89 27.44
C HIS A 98 -10.52 -8.86 27.05
N VAL A 99 -11.39 -8.50 26.12
CA VAL A 99 -12.51 -9.34 25.70
C VAL A 99 -12.29 -9.73 24.24
N ARG A 100 -12.57 -11.00 23.94
CA ARG A 100 -12.50 -11.49 22.57
C ARG A 100 -13.78 -11.09 21.83
N SER A 101 -13.62 -10.46 20.67
CA SER A 101 -14.74 -9.99 19.87
C SER A 101 -14.87 -10.81 18.60
N ALA A 102 -16.07 -10.76 18.00
CA ALA A 102 -16.31 -11.42 16.72
C ALA A 102 -16.05 -10.51 15.54
N ASN A 103 -16.09 -9.19 15.73
CA ASN A 103 -15.82 -8.26 14.65
C ASN A 103 -14.32 -8.16 14.40
N ALA A 104 -13.93 -8.17 13.13
CA ALA A 104 -12.52 -8.19 12.78
C ALA A 104 -11.82 -6.93 13.29
N SER A 105 -10.59 -7.12 13.77
CA SER A 105 -9.76 -6.03 14.24
C SER A 105 -8.75 -5.65 13.17
N GLU A 106 -8.10 -4.50 13.39
CA GLU A 106 -7.03 -4.07 12.49
C GLU A 106 -5.92 -5.11 12.44
N LYS A 107 -5.62 -5.74 13.59
CA LYS A 107 -4.64 -6.81 13.62
C LYS A 107 -5.05 -7.96 12.72
N ASP A 108 -6.35 -8.27 12.67
CA ASP A 108 -6.84 -9.30 11.75
C ASP A 108 -6.72 -8.84 10.30
N ALA A 109 -6.87 -7.54 10.04
CA ALA A 109 -6.66 -7.03 8.68
C ALA A 109 -5.22 -7.29 8.23
N ARG A 110 -4.25 -7.04 9.11
CA ARG A 110 -2.86 -7.31 8.77
C ARG A 110 -2.64 -8.80 8.56
N ALA A 111 -3.30 -9.63 9.37
CA ALA A 111 -3.25 -11.08 9.15
C ALA A 111 -3.74 -11.42 7.76
N ALA A 112 -4.89 -10.88 7.37
CA ALA A 112 -5.44 -11.14 6.05
C ALA A 112 -4.48 -10.70 4.95
N LEU A 113 -3.94 -9.48 5.08
CA LEU A 113 -2.98 -8.98 4.10
C LEU A 113 -1.75 -9.88 4.05
N TYR A 114 -1.21 -10.25 5.22
CA TYR A 114 -0.01 -11.06 5.27
C TYR A 114 -0.22 -12.37 4.53
N ALA A 115 -1.35 -13.03 4.77
CA ALA A 115 -1.62 -14.32 4.12
C ALA A 115 -1.74 -14.16 2.61
N ALA A 116 -2.49 -13.15 2.17
CA ALA A 116 -2.66 -12.92 0.74
C ALA A 116 -1.32 -12.78 0.03
N VAL A 117 -0.37 -12.06 0.64
CA VAL A 117 0.93 -11.89 0.03
C VAL A 117 1.70 -13.20 0.01
N LYS A 118 1.71 -13.92 1.14
CA LYS A 118 2.48 -15.15 1.23
C LYS A 118 2.02 -16.18 0.20
N ARG A 119 0.74 -16.17 -0.16
CA ARG A 119 0.22 -17.15 -1.10
C ARG A 119 0.77 -16.96 -2.51
N VAL A 120 1.21 -15.75 -2.86
CA VAL A 120 1.61 -15.46 -4.23
C VAL A 120 3.06 -14.96 -4.28
N LEU A 121 3.48 -14.23 -3.25
CA LEU A 121 4.78 -13.57 -3.28
C LEU A 121 5.89 -14.60 -3.44
N GLY A 122 6.81 -14.33 -4.37
CA GLY A 122 7.94 -15.18 -4.60
C GLY A 122 8.97 -14.53 -5.50
N PRO A 123 10.10 -15.20 -5.72
CA PRO A 123 11.14 -14.62 -6.59
C PRO A 123 10.64 -14.25 -7.97
N LYS A 124 9.71 -15.01 -8.54
CA LYS A 124 9.20 -14.76 -9.88
C LYS A 124 7.83 -14.10 -9.87
N ASP A 125 7.36 -13.64 -8.71
CA ASP A 125 6.02 -13.07 -8.57
C ASP A 125 6.15 -11.68 -7.97
N ILE A 126 5.78 -10.67 -8.75
CA ILE A 126 5.79 -9.29 -8.30
C ILE A 126 4.44 -8.99 -7.68
N VAL A 127 4.45 -8.50 -6.44
CA VAL A 127 3.24 -8.28 -5.66
C VAL A 127 3.16 -6.81 -5.28
N ILE A 128 2.02 -6.18 -5.61
CA ILE A 128 1.74 -4.81 -5.23
C ILE A 128 0.74 -4.84 -4.08
N LEU A 129 1.16 -4.34 -2.91
CA LEU A 129 0.30 -4.30 -1.73
C LEU A 129 -0.22 -2.87 -1.57
N ASP A 130 -1.44 -2.64 -2.02
CA ASP A 130 -2.09 -1.33 -1.95
C ASP A 130 -2.89 -1.27 -0.65
N SER A 131 -2.26 -0.72 0.39
CA SER A 131 -2.92 -0.53 1.67
C SER A 131 -2.19 0.56 2.43
N LEU A 132 -2.86 1.09 3.45
CA LEU A 132 -2.26 2.14 4.27
C LEU A 132 -0.84 1.76 4.69
N ASN A 133 -0.66 0.53 5.17
CA ASN A 133 0.65 0.02 5.55
C ASN A 133 1.46 1.07 6.31
N TYR A 134 0.82 1.65 7.32
CA TYR A 134 1.29 2.87 7.95
C TYR A 134 2.11 2.64 9.21
N ILE A 135 2.35 1.39 9.60
CA ILE A 135 3.07 1.08 10.82
C ILE A 135 4.44 0.52 10.45
N LYS A 136 5.48 1.06 11.08
CA LYS A 136 6.83 0.58 10.83
C LYS A 136 6.96 -0.90 11.15
N GLY A 137 6.39 -1.33 12.28
CA GLY A 137 6.41 -2.75 12.61
C GLY A 137 5.75 -3.60 11.55
N TRP A 138 4.57 -3.20 11.10
CA TRP A 138 3.91 -3.93 10.02
C TRP A 138 4.77 -3.94 8.76
N ARG A 139 5.31 -2.78 8.39
CA ARG A 139 6.21 -2.74 7.25
C ARG A 139 7.45 -3.61 7.48
N TYR A 140 7.84 -3.78 8.74
CA TYR A 140 8.97 -4.66 9.04
C TYR A 140 8.57 -6.13 8.86
N GLN A 141 7.34 -6.49 9.23
CA GLN A 141 6.85 -7.83 8.99
C GLN A 141 6.87 -8.15 7.50
N LEU A 142 6.36 -7.23 6.68
CA LEU A 142 6.34 -7.44 5.25
C LEU A 142 7.75 -7.55 4.69
N TYR A 143 8.68 -6.74 5.20
CA TYR A 143 10.07 -6.86 4.81
C TYR A 143 10.60 -8.26 5.10
N CYS A 144 10.37 -8.76 6.31
CA CYS A 144 10.81 -10.11 6.65
C CYS A 144 10.06 -11.15 5.82
N GLU A 145 8.83 -10.85 5.41
CA GLU A 145 8.09 -11.78 4.57
C GLU A 145 8.77 -11.95 3.22
N ALA A 146 9.13 -10.83 2.57
CA ALA A 146 9.84 -10.91 1.30
C ALA A 146 11.20 -11.58 1.48
N LYS A 147 11.86 -11.33 2.62
CA LYS A 147 13.10 -12.02 2.93
C LYS A 147 12.89 -13.54 2.95
N ASN A 148 11.81 -13.99 3.60
CA ASN A 148 11.52 -15.42 3.65
C ASN A 148 11.12 -15.96 2.29
N ALA A 149 10.53 -15.12 1.44
CA ALA A 149 10.26 -15.51 0.07
C ALA A 149 11.48 -15.40 -0.84
N ARG A 150 12.62 -14.97 -0.29
CA ARG A 150 13.86 -14.87 -1.05
C ARG A 150 13.68 -13.96 -2.27
N THR A 151 13.05 -12.82 -2.05
CA THR A 151 12.76 -11.86 -3.11
C THR A 151 12.89 -10.45 -2.56
N PRO A 152 13.24 -9.47 -3.39
CA PRO A 152 13.44 -8.12 -2.90
C PRO A 152 12.14 -7.45 -2.48
N SER A 153 12.27 -6.46 -1.60
CA SER A 153 11.13 -5.66 -1.15
C SER A 153 11.51 -4.18 -1.19
N CYS A 154 10.49 -3.34 -1.36
CA CYS A 154 10.68 -1.89 -1.34
C CYS A 154 9.40 -1.25 -0.83
N VAL A 155 9.47 0.06 -0.62
CA VAL A 155 8.35 0.86 -0.14
C VAL A 155 8.11 1.99 -1.11
N LEU A 156 6.83 2.24 -1.42
CA LEU A 156 6.42 3.29 -2.35
C LEU A 156 5.39 4.17 -1.65
N GLN A 157 5.82 5.35 -1.20
CA GLN A 157 4.93 6.28 -0.52
C GLN A 157 4.22 7.18 -1.53
N VAL A 158 2.97 7.52 -1.23
CA VAL A 158 2.14 8.31 -2.12
C VAL A 158 1.42 9.35 -1.28
N GLY A 159 1.14 10.50 -1.90
CA GLY A 159 0.41 11.54 -1.21
C GLY A 159 0.54 12.89 -1.85
N GLY A 160 -0.59 13.57 -2.04
CA GLY A 160 -0.60 14.96 -2.44
C GLY A 160 -0.66 15.93 -1.30
N GLY A 161 -0.80 15.44 -0.08
CA GLY A 161 -0.84 16.27 1.10
C GLY A 161 -2.00 15.92 2.02
N VAL A 162 -1.86 16.27 3.31
CA VAL A 162 -2.95 16.04 4.25
C VAL A 162 -4.20 16.82 3.84
N GLU A 163 -4.00 17.99 3.25
CA GLU A 163 -5.14 18.83 2.87
C GLU A 163 -5.84 18.28 1.64
N LYS A 164 -5.09 17.96 0.59
CA LYS A 164 -5.70 17.37 -0.60
C LYS A 164 -6.30 16.01 -0.30
N ALA A 165 -5.70 15.27 0.65
CA ALA A 165 -6.29 14.00 1.05
C ALA A 165 -7.57 14.20 1.84
N ARG A 166 -7.58 15.17 2.76
CA ARG A 166 -8.80 15.44 3.52
C ARG A 166 -9.93 15.88 2.59
N GLU A 167 -9.62 16.71 1.60
CA GLU A 167 -10.64 17.12 0.64
C GLU A 167 -11.29 15.92 -0.03
N VAL A 168 -10.48 14.95 -0.44
CA VAL A 168 -11.02 13.78 -1.13
C VAL A 168 -12.05 13.07 -0.25
N ASN A 169 -11.68 12.76 1.00
CA ASN A 169 -12.59 12.03 1.87
C ASN A 169 -13.91 12.79 2.07
N GLU A 170 -13.87 14.12 2.00
CA GLU A 170 -15.10 14.89 2.11
C GLU A 170 -15.98 14.70 0.88
N ARG A 171 -15.40 14.79 -0.32
CA ARG A 171 -16.18 14.60 -1.54
C ARG A 171 -16.75 13.19 -1.60
N ARG A 172 -16.04 12.20 -1.07
CA ARG A 172 -16.55 10.83 -1.04
C ARG A 172 -17.58 10.64 0.06
N LEU A 173 -17.43 11.35 1.19
CA LEU A 173 -18.49 11.40 2.17
C LEU A 173 -19.73 12.08 1.60
N GLU A 174 -19.53 13.17 0.86
CA GLU A 174 -20.65 13.86 0.21
C GLU A 174 -21.36 12.94 -0.77
N ARG A 175 -20.59 12.19 -1.57
CA ARG A 175 -21.16 11.31 -2.59
C ARG A 175 -21.78 10.10 -1.90
N ARG A 176 -22.96 10.30 -1.34
CA ARG A 176 -23.71 9.24 -0.68
C ARG A 176 -25.21 9.49 -0.77
N ALA A 196 -19.46 -2.25 -0.29
CA ALA A 196 -18.57 -1.56 0.63
C ALA A 196 -17.11 -2.00 0.43
N GLU A 197 -16.91 -2.99 -0.44
CA GLU A 197 -15.56 -3.43 -0.82
C GLU A 197 -15.04 -2.56 -1.96
N SER A 198 -15.18 -1.25 -1.82
CA SER A 198 -14.96 -0.32 -2.90
C SER A 198 -13.64 0.41 -2.75
N ASP A 199 -13.16 0.94 -3.88
CA ASP A 199 -11.97 1.79 -3.91
C ASP A 199 -12.31 3.26 -3.68
N GLU A 200 -13.59 3.62 -3.57
CA GLU A 200 -14.01 4.99 -3.33
C GLU A 200 -15.00 5.10 -2.18
N GLU A 201 -15.02 4.13 -1.28
CA GLU A 201 -15.84 4.24 -0.06
C GLU A 201 -15.14 5.16 0.92
N PRO A 202 -15.82 6.19 1.43
CA PRO A 202 -15.15 7.12 2.34
C PRO A 202 -14.96 6.55 3.73
N TYR A 203 -14.04 7.16 4.46
CA TYR A 203 -13.86 6.89 5.88
C TYR A 203 -14.78 7.80 6.67
N GLU A 204 -15.14 7.37 7.87
CA GLU A 204 -15.78 8.28 8.82
C GLU A 204 -14.76 9.33 9.26
N ARG A 205 -15.19 10.59 9.34
CA ARG A 205 -14.24 11.66 9.61
C ARG A 205 -13.46 11.42 10.91
N SER A 206 -14.05 10.71 11.87
CA SER A 206 -13.30 10.33 13.08
C SER A 206 -12.20 9.34 12.74
N ASN A 207 -12.53 8.28 12.00
CA ASN A 207 -11.52 7.29 11.63
C ASN A 207 -10.44 7.90 10.75
N TRP A 208 -10.81 8.85 9.89
CA TRP A 208 -9.86 9.44 8.95
C TRP A 208 -8.81 10.27 9.68
N GLU A 209 -9.26 11.17 10.57
CA GLU A 209 -8.32 12.05 11.27
C GLU A 209 -7.35 11.24 12.12
N ASN A 210 -7.87 10.31 12.94
CA ASN A 210 -7.00 9.53 13.81
C ASN A 210 -6.00 8.69 13.01
N LEU A 211 -6.38 8.26 11.80
CA LEU A 211 -5.45 7.50 10.97
C LEU A 211 -4.24 8.35 10.56
N VAL A 212 -4.50 9.57 10.09
CA VAL A 212 -3.40 10.46 9.70
C VAL A 212 -2.49 10.72 10.90
N PHE A 213 -3.09 11.03 12.06
CA PHE A 213 -2.29 11.35 13.24
C PHE A 213 -1.30 10.23 13.56
N ARG A 214 -1.72 8.97 13.44
CA ARG A 214 -0.89 7.84 13.81
C ARG A 214 -0.16 7.22 12.62
N TYR A 215 -0.08 7.92 11.49
CA TYR A 215 0.71 7.44 10.36
C TYR A 215 2.19 7.60 10.68
N GLU A 216 2.96 6.57 10.35
CA GLU A 216 4.39 6.54 10.64
C GLU A 216 5.14 6.69 9.32
N GLU A 217 5.82 7.82 9.16
CA GLU A 217 6.51 8.09 7.91
C GLU A 217 7.55 7.01 7.65
N PRO A 218 7.68 6.52 6.41
CA PRO A 218 8.76 5.59 6.10
C PRO A 218 10.11 6.24 6.34
N ASN A 219 11.02 5.47 6.96
CA ASN A 219 12.34 5.96 7.33
C ASN A 219 13.41 5.26 6.51
N PRO A 220 13.99 5.92 5.50
CA PRO A 220 15.05 5.25 4.72
C PRO A 220 16.28 4.91 5.52
N MET A 221 16.41 5.40 6.76
CA MET A 221 17.51 4.98 7.60
C MET A 221 17.37 3.51 8.00
N THR A 222 16.16 2.98 8.01
CA THR A 222 15.92 1.59 8.38
C THR A 222 15.88 0.72 7.13
N ARG A 223 16.39 -0.51 7.26
CA ARG A 223 16.49 -1.41 6.12
C ARG A 223 15.13 -1.90 5.65
N TRP A 224 14.11 -1.91 6.51
CA TRP A 224 12.81 -2.42 6.11
C TRP A 224 11.95 -1.36 5.43
N ASP A 225 12.28 -0.08 5.57
CA ASP A 225 11.61 0.97 4.82
C ASP A 225 12.36 1.38 3.56
N SER A 226 13.53 0.80 3.31
CA SER A 226 14.29 1.07 2.10
C SER A 226 14.32 -0.18 1.22
N PRO A 227 14.48 -0.02 -0.10
CA PRO A 227 14.55 1.26 -0.82
C PRO A 227 13.21 1.99 -0.86
N LEU A 228 13.22 3.27 -0.50
CA LEU A 228 12.00 4.07 -0.43
C LEU A 228 11.81 4.85 -1.73
N PHE A 229 10.56 4.94 -2.17
CA PHE A 229 10.20 5.74 -3.33
C PHE A 229 8.93 6.51 -3.00
N LEU A 230 8.82 7.72 -3.55
CA LEU A 230 7.69 8.59 -3.29
C LEU A 230 7.13 9.12 -4.60
N LEU A 231 5.83 9.42 -4.60
CA LEU A 231 5.14 9.97 -5.76
C LEU A 231 4.11 10.98 -5.26
N ALA A 232 4.42 12.27 -5.43
CA ALA A 232 3.44 13.30 -5.17
C ALA A 232 2.42 13.34 -6.31
N TRP A 233 1.25 13.91 -6.02
CA TRP A 233 0.22 14.02 -7.04
C TRP A 233 0.75 14.80 -8.25
N ASP A 234 1.39 15.93 -8.00
CA ASP A 234 1.84 16.80 -9.10
C ASP A 234 2.95 16.17 -9.93
N ASP A 235 3.57 15.09 -9.45
CA ASP A 235 4.56 14.39 -10.26
C ASP A 235 3.89 13.93 -11.55
N ASP A 236 4.43 14.38 -12.69
CA ASP A 236 3.80 14.10 -13.96
C ASP A 236 4.14 12.69 -14.44
N GLU A 237 3.50 12.28 -15.54
CA GLU A 237 3.62 10.91 -16.03
C GLU A 237 5.07 10.45 -16.20
N ALA A 238 6.02 11.36 -16.46
CA ALA A 238 7.41 10.99 -16.65
C ALA A 238 8.21 10.90 -15.35
N GLN A 239 7.97 11.82 -14.40
CA GLN A 239 8.58 11.67 -13.07
C GLN A 239 8.07 10.41 -12.39
N THR A 240 6.78 10.11 -12.53
CA THR A 240 6.28 8.82 -12.08
C THR A 240 6.95 7.68 -12.83
N ARG A 241 7.07 7.81 -14.16
CA ARG A 241 7.73 6.79 -14.96
C ARG A 241 9.19 6.60 -14.54
N GLN A 242 9.86 7.66 -14.09
CA GLN A 242 11.25 7.52 -13.66
C GLN A 242 11.34 6.74 -12.36
N VAL A 243 10.42 6.99 -11.42
CA VAL A 243 10.39 6.21 -10.18
C VAL A 243 10.16 4.74 -10.49
N PHE A 244 9.17 4.45 -11.34
CA PHE A 244 8.82 3.05 -11.63
C PHE A 244 10.03 2.28 -12.16
N ASP A 245 10.87 2.94 -12.96
CA ASP A 245 12.07 2.27 -13.49
C ASP A 245 13.04 1.91 -12.38
N LYS A 246 13.22 2.81 -11.40
CA LYS A 246 14.09 2.50 -10.28
C LYS A 246 13.49 1.39 -9.42
N ILE A 247 12.17 1.36 -9.29
CA ILE A 247 11.51 0.22 -8.64
C ILE A 247 11.85 -1.07 -9.38
N TRP A 248 11.79 -1.03 -10.72
CA TRP A 248 12.05 -2.23 -11.50
C TRP A 248 13.50 -2.68 -11.32
N ASP A 249 14.45 -1.76 -11.45
CA ASP A 249 15.86 -2.11 -11.25
C ASP A 249 16.11 -2.63 -9.85
N ALA A 250 15.37 -2.14 -8.86
CA ALA A 250 15.55 -2.61 -7.50
C ALA A 250 15.14 -4.06 -7.33
N ILE A 251 14.01 -4.45 -7.94
CA ILE A 251 13.49 -5.80 -7.76
C ILE A 251 13.98 -6.71 -8.89
N ALA A 252 15.21 -6.46 -9.34
CA ALA A 252 15.91 -7.34 -10.26
C ALA A 252 17.26 -7.72 -9.65
N GLY A 253 18.13 -8.32 -10.45
CA GLY A 253 19.45 -8.71 -9.99
C GLY A 253 20.26 -7.54 -9.47
PB ADP B . -6.78 5.84 -1.74
O1B ADP B . -7.34 4.56 -2.34
O2B ADP B . -7.45 6.13 -0.43
O3B ADP B . -5.30 5.68 -1.51
PA ADP B . -7.39 6.98 -4.37
O1A ADP B . -8.66 6.19 -4.57
O2A ADP B . -6.24 6.30 -5.09
O3A ADP B . -7.05 7.11 -2.76
O5' ADP B . -7.61 8.51 -4.97
C5' ADP B . -8.42 9.40 -4.22
C4' ADP B . -8.95 10.40 -5.04
O4' ADP B . -7.90 11.45 -5.32
C3' ADP B . -9.39 9.81 -6.46
O3' ADP B . -10.62 10.50 -6.94
C2' ADP B . -8.43 10.05 -7.21
O2' ADP B . -8.95 10.36 -8.56
C1' ADP B . -7.63 11.36 -6.59
N9 ADP B . -6.22 11.15 -6.75
C8 ADP B . -5.39 10.25 -6.25
N7 ADP B . -4.17 10.53 -6.75
C5 ADP B . -4.29 11.60 -7.54
C6 ADP B . -3.36 12.30 -8.29
N6 ADP B . -1.98 12.47 -8.74
N1 ADP B . -3.72 13.36 -9.01
C2 ADP B . -5.02 13.74 -9.01
N3 ADP B . -5.94 13.06 -8.28
C4 ADP B . -5.57 12.00 -7.55
H5'1 ADP B . -7.89 9.81 -3.52
H5'2 ADP B . -9.15 8.90 -3.81
H4' ADP B . -9.72 10.80 -4.61
H3' ADP B . -9.53 8.86 -6.40
H2' ADP B . -7.83 9.28 -7.24
HO2' ADP B . -8.80 9.71 -9.09
H1' ADP B . -7.94 12.16 -7.03
H8 ADP B . -5.60 9.56 -5.67
HN61 ADP B . -1.67 13.26 -8.90
HN62 ADP B . -1.47 11.78 -8.84
H2 ADP B . -5.28 14.48 -9.51
AL AF3 C . -8.45 4.27 0.17
F1 AF3 C . -7.75 2.99 -0.73
F2 AF3 C . -9.87 5.04 -0.39
F3 AF3 C . -7.50 5.08 1.33
MG MG D . -6.31 2.11 -1.86
O1 MES E . 18.80 0.83 6.12
C2 MES E . 18.83 1.47 4.85
C3 MES E . 19.82 0.78 3.93
N4 MES E . 21.15 0.73 4.57
C5 MES E . 21.11 0.08 5.86
C6 MES E . 20.09 0.82 6.73
C7 MES E . 22.13 0.37 3.55
C8 MES E . 23.40 -0.26 4.13
S MES E . 24.79 0.22 3.33
O1S MES E . 25.71 0.79 4.33
O2S MES E . 25.44 -0.97 2.74
O3S MES E . 24.51 1.20 2.26
H21 MES E . 19.12 2.52 4.98
H22 MES E . 17.84 1.45 4.41
H31 MES E . 19.48 -0.24 3.72
H32 MES E . 19.89 1.32 2.98
HN4 MES E . 21.49 1.63 4.89
H51 MES E . 22.10 0.10 6.33
H52 MES E . 20.82 -0.97 5.75
H61 MES E . 20.03 0.34 7.71
H62 MES E . 20.43 1.85 6.88
H71 MES E . 21.68 -0.34 2.86
H72 MES E . 22.42 1.26 2.98
H81 MES E . 23.49 0.02 5.19
H82 MES E . 23.31 -1.35 4.08
#